data_8UUI
#
_entry.id   8UUI
#
_cell.length_a   110.740
_cell.length_b   110.740
_cell.length_c   85.510
_cell.angle_alpha   90.000
_cell.angle_beta   90.000
_cell.angle_gamma   120.000
#
_symmetry.space_group_name_H-M   'P 61'
#
loop_
_entity.id
_entity.type
_entity.pdbx_description
1 polymer 'Interleukin-23 subunit alpha'
2 polymer 'Interleukin-12 subunit beta'
3 polymer 'peptide 23-446'
4 branched alpha-D-mannopyranose-(1-3)-beta-D-mannopyranose-(1-4)-2-acetamido-2-deoxy-beta-D-glucopyranose-(1-4)-2-acetamido-2-deoxy-beta-D-glucopyranose
5 water water
#
loop_
_entity_poly.entity_id
_entity_poly.type
_entity_poly.pdbx_seq_one_letter_code
_entity_poly.pdbx_strand_id
1 'polypeptide(L)'
;RAVPGGSSPAWTQCQQLSQKLCTLAWSAHPLVGHMDLREEGDEETTNDVPHIQCGDGCDPQGLRDNSQFCLQRIHQGLIF
YEKLLGSDIFTGEPSLLPDSPVGQLHASLLGLSQLLQPEGHHWETQQIPSLSPSQPWQRLLLRFKILRSLQAFVAVAARV
FAHGAATLSPHHHHHH
;
B
2 'polypeptide(L)'
;AIWELKKDVYVVELDWYPDAPGEMVVLTCDTPEEDGITWTLDQSSEVLGSGKTLTIQVKEFGDAGQYTCHKGGEVLSHSL
LLLHKKEDGIWSTDILKDQKEPKNKTFLRCEAKNYSGRFTCWWLTTISTDLTFSVKSSRGSSDPQGVTCGAATLSAERVR
GDNKEYEYSVECQEDSACPAAEESLPIEVMVDAVHKLKYENYTSSFFIRDIIKPDPPKNLQLKPLKNSRQVEVSWEYPDT
WSTPHSYFSLTFCVQVQGKSKREKKDRVFTDKTSATVICRKNASISVRAQDRYYSSSWSEWASVPCS
;
A
3 'polypeptide(L)' GLRERCVRNYGHEFCQNWYW D
#
loop_
_chem_comp.id
_chem_comp.type
_chem_comp.name
_chem_comp.formula
BMA D-saccharide, beta linking beta-D-mannopyranose 'C6 H12 O6'
MAN D-saccharide, alpha linking alpha-D-mannopyranose 'C6 H12 O6'
NAG D-saccharide, beta linking 2-acetamido-2-deoxy-beta-D-glucopyranose 'C8 H15 N O6'
#
# COMPACT_ATOMS: atom_id res chain seq x y z
N SER A 8 12.79 -11.10 -31.84
CA SER A 8 14.18 -11.36 -32.20
C SER A 8 15.08 -11.91 -31.07
N PRO A 9 15.16 -11.22 -29.90
CA PRO A 9 16.20 -11.57 -28.91
C PRO A 9 16.06 -12.94 -28.26
N ALA A 10 15.54 -13.94 -28.99
CA ALA A 10 15.35 -15.30 -28.47
C ALA A 10 14.61 -15.25 -27.13
N TRP A 11 13.33 -14.89 -27.24
CA TRP A 11 12.54 -14.59 -26.06
C TRP A 11 12.59 -15.70 -25.02
N THR A 12 12.67 -16.96 -25.47
CA THR A 12 12.67 -18.09 -24.53
C THR A 12 13.85 -18.03 -23.58
N GLN A 13 15.02 -17.64 -24.08
CA GLN A 13 16.20 -17.56 -23.23
C GLN A 13 16.11 -16.36 -22.29
N CYS A 14 15.56 -15.24 -22.78
CA CYS A 14 15.32 -14.10 -21.91
C CYS A 14 14.38 -14.49 -20.77
N GLN A 15 13.32 -15.24 -21.08
CA GLN A 15 12.43 -15.72 -20.03
C GLN A 15 13.18 -16.52 -18.97
N GLN A 16 14.16 -17.32 -19.38
CA GLN A 16 14.83 -18.16 -18.40
C GLN A 16 15.77 -17.33 -17.53
N LEU A 17 16.58 -16.48 -18.17
CA LEU A 17 17.47 -15.62 -17.41
C LEU A 17 16.70 -14.67 -16.49
N SER A 18 15.57 -14.13 -16.95
CA SER A 18 14.79 -13.26 -16.07
C SER A 18 14.16 -14.05 -14.92
N GLN A 19 13.71 -15.28 -15.19
CA GLN A 19 13.13 -16.11 -14.14
C GLN A 19 14.16 -16.45 -13.08
N LYS A 20 15.39 -16.74 -13.50
CA LYS A 20 16.47 -16.96 -12.54
C LYS A 20 16.74 -15.70 -11.72
N LEU A 21 16.59 -14.53 -12.34
CA LEU A 21 16.73 -13.28 -11.59
C LEU A 21 15.62 -13.11 -10.54
N CYS A 22 14.36 -13.35 -10.91
CA CYS A 22 13.28 -13.29 -9.93
C CYS A 22 13.57 -14.16 -8.72
N THR A 23 13.96 -15.42 -8.96
CA THR A 23 14.16 -16.35 -7.86
C THR A 23 15.36 -15.97 -7.00
N LEU A 24 16.43 -15.48 -7.62
CA LEU A 24 17.60 -15.04 -6.86
C LEU A 24 17.26 -13.85 -5.96
N ALA A 25 16.31 -13.00 -6.38
CA ALA A 25 16.01 -11.76 -5.68
C ALA A 25 15.05 -11.98 -4.51
N TRP A 26 14.09 -12.90 -4.64
CA TRP A 26 13.14 -13.16 -3.55
C TRP A 26 13.86 -13.96 -2.46
N SER A 27 14.53 -13.22 -1.58
CA SER A 27 15.26 -13.79 -0.42
C SER A 27 15.31 -12.78 0.72
N VAL A 49 17.87 5.17 -9.21
CA VAL A 49 17.38 3.84 -9.58
C VAL A 49 16.50 3.90 -10.82
N PRO A 50 16.78 3.06 -11.82
CA PRO A 50 15.98 3.05 -13.04
C PRO A 50 14.67 2.33 -12.83
N HIS A 51 13.68 2.75 -13.62
CA HIS A 51 12.32 2.24 -13.52
C HIS A 51 11.77 2.10 -14.92
N ILE A 52 10.99 1.05 -15.12
CA ILE A 52 10.26 0.89 -16.38
C ILE A 52 8.95 1.66 -16.20
N GLN A 53 8.80 2.79 -16.90
CA GLN A 53 7.68 3.70 -16.75
C GLN A 53 6.77 3.61 -17.97
N CYS A 54 5.64 4.34 -17.94
CA CYS A 54 4.67 4.27 -19.04
C CYS A 54 5.32 4.56 -20.39
N GLY A 55 6.03 5.68 -20.47
CA GLY A 55 6.61 6.09 -21.73
C GLY A 55 7.67 5.15 -22.30
N ASP A 56 8.07 4.12 -21.55
CA ASP A 56 9.04 3.15 -22.06
C ASP A 56 8.44 2.19 -23.08
N GLY A 57 7.11 2.13 -23.20
CA GLY A 57 6.52 1.23 -24.17
C GLY A 57 6.68 -0.23 -23.85
N CYS A 58 6.77 -0.57 -22.56
CA CYS A 58 6.87 -1.95 -22.12
C CYS A 58 5.51 -2.58 -21.80
N ASP A 59 4.42 -1.87 -22.08
CA ASP A 59 3.08 -2.43 -21.94
C ASP A 59 2.85 -3.44 -23.07
N PRO A 60 1.81 -4.28 -22.94
CA PRO A 60 1.57 -5.30 -24.00
C PRO A 60 1.45 -4.71 -25.40
N GLN A 61 0.62 -3.70 -25.59
CA GLN A 61 0.51 -3.05 -26.89
C GLN A 61 1.85 -2.43 -27.31
N GLY A 62 2.57 -1.78 -26.38
CA GLY A 62 3.85 -1.17 -26.71
C GLY A 62 4.92 -2.17 -27.16
N LEU A 63 4.86 -3.40 -26.62
CA LEU A 63 5.68 -4.50 -27.11
C LEU A 63 5.39 -4.80 -28.57
N ARG A 64 4.11 -4.97 -28.91
CA ARG A 64 3.74 -5.29 -30.29
C ARG A 64 4.24 -4.22 -31.25
N ASP A 65 4.03 -2.94 -30.91
CA ASP A 65 4.34 -1.87 -31.86
C ASP A 65 5.84 -1.58 -31.95
N ASN A 66 6.56 -1.59 -30.81
CA ASN A 66 7.98 -1.21 -30.84
C ASN A 66 8.68 -1.97 -29.70
N SER A 67 8.95 -3.25 -29.94
CA SER A 67 9.67 -4.05 -28.95
C SER A 67 11.10 -3.57 -28.77
N GLN A 68 11.72 -3.01 -29.81
CA GLN A 68 13.10 -2.53 -29.66
C GLN A 68 13.18 -1.44 -28.60
N PHE A 69 12.21 -0.52 -28.56
CA PHE A 69 12.24 0.59 -27.60
C PHE A 69 12.22 0.07 -26.17
N CYS A 70 11.30 -0.87 -25.88
CA CYS A 70 11.16 -1.39 -24.52
C CYS A 70 12.41 -2.13 -24.07
N LEU A 71 12.89 -3.07 -24.89
CA LEU A 71 14.08 -3.85 -24.55
C LEU A 71 15.32 -2.97 -24.41
N GLN A 72 15.37 -1.84 -25.11
CA GLN A 72 16.43 -0.87 -24.86
C GLN A 72 16.35 -0.31 -23.44
N ARG A 73 15.14 0.00 -22.96
CA ARG A 73 15.01 0.56 -21.61
C ARG A 73 15.27 -0.49 -20.53
N ILE A 74 14.90 -1.74 -20.79
CA ILE A 74 15.23 -2.84 -19.89
C ILE A 74 16.75 -3.01 -19.79
N HIS A 75 17.43 -3.05 -20.95
CA HIS A 75 18.88 -3.25 -20.97
C HIS A 75 19.60 -2.21 -20.12
N GLN A 76 19.29 -0.92 -20.35
CA GLN A 76 19.91 0.15 -19.57
CA GLN A 76 19.94 0.13 -19.57
C GLN A 76 19.64 -0.01 -18.08
N GLY A 77 18.45 -0.48 -17.72
CA GLY A 77 18.15 -0.70 -16.31
C GLY A 77 18.99 -1.82 -15.71
N LEU A 78 19.20 -2.91 -16.46
CA LEU A 78 20.05 -3.99 -15.97
C LEU A 78 21.49 -3.53 -15.78
N ILE A 79 22.05 -2.86 -16.80
CA ILE A 79 23.39 -2.29 -16.68
C ILE A 79 23.51 -1.44 -15.43
N PHE A 80 22.48 -0.65 -15.12
CA PHE A 80 22.57 0.21 -13.94
C PHE A 80 22.55 -0.62 -12.66
N TYR A 81 21.80 -1.72 -12.65
CA TYR A 81 21.73 -2.54 -11.46
C TYR A 81 23.03 -3.32 -11.26
N GLU A 82 23.65 -3.78 -12.36
CA GLU A 82 24.97 -4.39 -12.29
C GLU A 82 25.96 -3.48 -11.57
N LYS A 83 25.99 -2.19 -11.95
CA LYS A 83 26.92 -1.27 -11.32
C LYS A 83 26.64 -1.13 -9.83
N LEU A 84 25.36 -0.98 -9.45
CA LEU A 84 25.05 -0.86 -8.02
C LEU A 84 25.48 -2.13 -7.27
N LEU A 85 25.25 -3.30 -7.87
CA LEU A 85 25.56 -4.55 -7.18
C LEU A 85 27.05 -4.73 -6.92
N GLY A 86 27.90 -4.00 -7.64
CA GLY A 86 29.32 -4.00 -7.35
C GLY A 86 29.84 -2.61 -7.03
N SER A 87 29.52 -2.09 -5.84
CA SER A 87 29.85 -0.72 -5.45
C SER A 87 30.19 -0.69 -3.96
N ASP A 88 30.50 0.52 -3.47
CA ASP A 88 30.76 0.78 -2.06
C ASP A 88 29.45 0.62 -1.28
N ILE A 89 28.38 0.29 -2.01
CA ILE A 89 27.07 0.12 -1.40
C ILE A 89 26.95 -1.26 -0.75
N PHE A 90 27.39 -2.30 -1.46
CA PHE A 90 27.33 -3.67 -0.96
C PHE A 90 28.66 -4.12 -0.38
N THR A 91 29.45 -3.19 0.13
CA THR A 91 30.66 -3.48 0.88
C THR A 91 30.56 -2.75 2.22
N GLY A 92 31.29 -3.25 3.21
CA GLY A 92 31.30 -2.62 4.51
C GLY A 92 30.34 -3.29 5.47
N GLU A 93 30.39 -2.85 6.71
CA GLU A 93 29.58 -3.48 7.75
C GLU A 93 28.12 -3.07 7.58
N PRO A 94 27.17 -4.02 7.67
CA PRO A 94 27.34 -5.47 7.86
C PRO A 94 27.78 -6.17 6.58
N SER A 95 28.84 -6.96 6.68
CA SER A 95 29.50 -7.52 5.50
C SER A 95 28.61 -8.58 4.83
N LEU A 96 28.67 -8.63 3.51
CA LEU A 96 27.91 -9.62 2.75
C LEU A 96 28.55 -11.00 2.87
N LEU A 97 27.72 -12.03 3.14
CA LEU A 97 28.19 -13.41 3.31
C LEU A 97 28.41 -14.09 1.95
N PRO A 98 29.41 -14.99 1.87
CA PRO A 98 29.63 -15.69 0.59
C PRO A 98 28.49 -16.61 0.17
N ASP A 99 27.70 -17.15 1.10
CA ASP A 99 26.60 -18.02 0.72
C ASP A 99 25.38 -17.27 0.19
N SER A 100 25.39 -15.94 0.27
CA SER A 100 24.20 -15.14 0.07
C SER A 100 23.73 -15.21 -1.39
N PRO A 101 22.42 -15.32 -1.62
CA PRO A 101 21.91 -15.17 -3.00
C PRO A 101 22.15 -13.79 -3.59
N VAL A 102 22.16 -12.74 -2.76
CA VAL A 102 22.49 -11.39 -3.23
C VAL A 102 23.83 -11.37 -3.97
N GLY A 103 24.77 -12.21 -3.55
CA GLY A 103 26.06 -12.28 -4.22
C GLY A 103 26.02 -12.87 -5.62
N GLN A 104 24.92 -13.52 -6.00
CA GLN A 104 24.79 -14.08 -7.35
C GLN A 104 23.99 -13.19 -8.30
N LEU A 105 23.51 -12.03 -7.84
CA LEU A 105 22.69 -11.17 -8.70
C LEU A 105 23.50 -10.63 -9.87
N HIS A 106 24.72 -10.15 -9.60
CA HIS A 106 25.58 -9.62 -10.66
C HIS A 106 25.74 -10.60 -11.80
N ALA A 107 25.71 -11.91 -11.51
CA ALA A 107 25.84 -12.90 -12.57
C ALA A 107 24.62 -12.90 -13.47
N SER A 108 23.45 -13.15 -12.87
CA SER A 108 22.23 -13.30 -13.65
C SER A 108 21.88 -12.01 -14.41
N LEU A 109 22.14 -10.85 -13.79
CA LEU A 109 21.87 -9.59 -14.47
C LEU A 109 22.73 -9.43 -15.72
N LEU A 110 24.00 -9.86 -15.66
CA LEU A 110 24.93 -9.70 -16.77
C LEU A 110 24.59 -10.61 -17.95
N GLY A 111 24.19 -11.85 -17.67
CA GLY A 111 23.77 -12.74 -18.73
C GLY A 111 22.61 -12.18 -19.52
N LEU A 112 21.58 -11.68 -18.83
CA LEU A 112 20.45 -11.11 -19.54
C LEU A 112 20.85 -9.87 -20.34
N SER A 113 21.79 -9.06 -19.81
CA SER A 113 22.26 -7.88 -20.52
C SER A 113 22.88 -8.22 -21.87
N GLN A 114 23.67 -9.31 -21.93
CA GLN A 114 24.22 -9.76 -23.20
C GLN A 114 23.13 -10.33 -24.10
N LEU A 115 22.19 -11.06 -23.52
CA LEU A 115 21.09 -11.62 -24.29
C LEU A 115 20.34 -10.54 -25.07
N LEU A 116 20.25 -9.32 -24.53
CA LEU A 116 19.60 -8.23 -25.25
C LEU A 116 20.54 -7.64 -26.31
N GLN A 117 21.56 -6.91 -25.86
CA GLN A 117 22.56 -6.32 -26.75
C GLN A 117 23.94 -6.84 -26.34
N PRO A 118 24.48 -7.85 -27.04
CA PRO A 118 25.81 -8.42 -26.75
C PRO A 118 26.93 -7.40 -26.96
N GLN A 135 27.43 6.24 1.32
CA GLN A 135 27.29 4.94 1.96
C GLN A 135 28.28 4.77 3.12
N PRO A 136 28.00 5.45 4.26
CA PRO A 136 28.95 5.45 5.39
C PRO A 136 28.53 4.56 6.56
N TRP A 137 27.40 4.88 7.18
CA TRP A 137 26.94 4.17 8.38
C TRP A 137 25.87 3.13 8.06
N GLN A 138 24.69 3.59 7.65
CA GLN A 138 23.55 2.70 7.37
C GLN A 138 23.42 2.44 5.87
N ARG A 139 24.37 1.63 5.37
CA ARG A 139 24.19 1.05 4.05
C ARG A 139 23.02 0.09 4.02
N LEU A 140 22.53 -0.32 5.19
CA LEU A 140 21.57 -1.40 5.27
C LEU A 140 20.24 -1.00 4.61
N LEU A 141 19.73 0.18 4.94
CA LEU A 141 18.48 0.64 4.35
C LEU A 141 18.59 0.82 2.83
N LEU A 142 19.74 1.30 2.35
CA LEU A 142 19.89 1.50 0.91
C LEU A 142 20.03 0.18 0.14
N ARG A 143 20.72 -0.82 0.72
CA ARG A 143 20.75 -2.15 0.09
C ARG A 143 19.37 -2.74 -0.01
N PHE A 144 18.55 -2.55 1.04
CA PHE A 144 17.17 -3.02 1.02
C PHE A 144 16.39 -2.35 -0.10
N LYS A 145 16.39 -1.02 -0.15
CA LYS A 145 15.59 -0.35 -1.16
C LYS A 145 16.00 -0.76 -2.57
N ILE A 146 17.29 -1.05 -2.77
CA ILE A 146 17.79 -1.49 -4.07
C ILE A 146 17.28 -2.89 -4.41
N LEU A 147 17.27 -3.80 -3.43
CA LEU A 147 16.78 -5.15 -3.68
C LEU A 147 15.28 -5.16 -3.93
N ARG A 148 14.50 -4.41 -3.14
CA ARG A 148 13.06 -4.38 -3.37
C ARG A 148 12.75 -3.75 -4.70
N SER A 149 13.53 -2.74 -5.10
CA SER A 149 13.37 -2.13 -6.40
C SER A 149 13.70 -3.10 -7.53
N LEU A 150 14.71 -3.98 -7.32
CA LEU A 150 15.10 -4.92 -8.36
C LEU A 150 14.07 -6.03 -8.53
N GLN A 151 13.41 -6.44 -7.44
CA GLN A 151 12.28 -7.38 -7.61
C GLN A 151 11.21 -6.77 -8.51
N ALA A 152 10.85 -5.51 -8.28
CA ALA A 152 9.84 -4.85 -9.08
C ALA A 152 10.25 -4.74 -10.54
N PHE A 153 11.50 -4.35 -10.78
CA PHE A 153 12.05 -4.22 -12.15
C PHE A 153 12.02 -5.57 -12.87
N VAL A 154 12.52 -6.63 -12.23
CA VAL A 154 12.60 -7.93 -12.89
C VAL A 154 11.22 -8.53 -13.14
N ALA A 155 10.26 -8.28 -12.23
CA ALA A 155 8.87 -8.67 -12.51
C ALA A 155 8.36 -8.09 -13.83
N VAL A 156 8.63 -6.81 -14.10
CA VAL A 156 8.10 -6.22 -15.33
C VAL A 156 8.80 -6.81 -16.55
N ALA A 157 10.12 -6.96 -16.48
CA ALA A 157 10.86 -7.49 -17.62
C ALA A 157 10.43 -8.91 -17.93
N ALA A 158 10.13 -9.71 -16.91
CA ALA A 158 9.62 -11.06 -17.12
C ALA A 158 8.28 -11.05 -17.86
N ARG A 159 7.37 -10.13 -17.51
CA ARG A 159 6.13 -10.03 -18.28
C ARG A 159 6.44 -9.72 -19.74
N VAL A 160 7.43 -8.86 -19.97
CA VAL A 160 7.84 -8.50 -21.33
C VAL A 160 8.29 -9.73 -22.09
N PHE A 161 9.15 -10.52 -21.48
CA PHE A 161 9.70 -11.68 -22.17
C PHE A 161 8.66 -12.77 -22.34
N ALA A 162 7.79 -12.95 -21.33
CA ALA A 162 6.70 -13.89 -21.50
C ALA A 162 5.77 -13.46 -22.63
N HIS A 163 5.42 -12.18 -22.69
CA HIS A 163 4.45 -11.74 -23.69
C HIS A 163 5.02 -11.77 -25.09
N GLY A 164 6.28 -11.35 -25.24
CA GLY A 164 6.94 -11.44 -26.53
C GLY A 164 7.19 -12.86 -27.00
N ALA A 165 7.44 -13.78 -26.07
CA ALA A 165 7.54 -15.18 -26.45
C ALA A 165 6.20 -15.77 -26.87
N ALA A 166 5.09 -15.17 -26.42
CA ALA A 166 3.77 -15.70 -26.76
C ALA A 166 3.13 -14.99 -27.94
N THR A 167 3.58 -13.78 -28.27
CA THR A 167 2.99 -12.99 -29.35
C THR A 167 4.00 -12.57 -30.41
N LEU A 168 5.25 -12.30 -30.03
CA LEU A 168 6.28 -11.83 -30.95
C LEU A 168 7.20 -12.95 -31.41
N SER A 169 6.80 -14.20 -31.22
CA SER A 169 7.65 -15.32 -31.59
C SER A 169 6.79 -16.58 -31.72
N ILE B 2 -1.85 26.11 15.64
CA ILE B 2 -3.22 26.02 15.15
C ILE B 2 -3.26 26.10 13.62
N TRP B 3 -4.02 25.22 12.97
CA TRP B 3 -4.15 25.27 11.52
C TRP B 3 -5.57 24.85 11.13
N GLU B 4 -5.94 25.21 9.91
CA GLU B 4 -7.32 25.08 9.43
C GLU B 4 -7.53 23.75 8.73
N LEU B 5 -8.41 22.92 9.29
CA LEU B 5 -8.86 21.72 8.62
C LEU B 5 -9.77 22.07 7.44
N LYS B 6 -11.03 22.41 7.72
CA LYS B 6 -11.94 22.98 6.74
C LYS B 6 -12.25 24.39 7.20
N LYS B 7 -13.25 25.01 6.57
CA LYS B 7 -13.55 26.39 6.90
C LYS B 7 -14.16 26.48 8.29
N ASP B 8 -13.57 27.35 9.13
CA ASP B 8 -13.99 27.57 10.51
C ASP B 8 -13.80 26.33 11.37
N VAL B 9 -12.89 25.44 10.99
CA VAL B 9 -12.55 24.26 11.77
C VAL B 9 -11.03 24.23 11.91
N TYR B 10 -10.55 24.37 13.12
CA TYR B 10 -9.12 24.51 13.32
C TYR B 10 -8.64 23.46 14.30
N VAL B 11 -7.43 22.99 14.08
CA VAL B 11 -6.85 21.92 14.89
C VAL B 11 -5.74 22.51 15.74
N VAL B 12 -5.75 22.18 17.02
CA VAL B 12 -4.77 22.67 17.95
C VAL B 12 -3.93 21.48 18.39
N GLU B 13 -2.64 21.55 18.10
CA GLU B 13 -1.73 20.48 18.50
C GLU B 13 -1.30 20.70 19.94
N LEU B 14 -1.48 19.68 20.76
CA LEU B 14 -1.15 19.72 22.18
C LEU B 14 -0.40 18.45 22.57
N ASP B 15 0.74 18.62 23.23
CA ASP B 15 1.40 17.50 23.90
C ASP B 15 0.65 17.19 25.18
N TRP B 16 0.06 16.00 25.27
CA TRP B 16 -0.80 15.66 26.41
C TRP B 16 0.00 15.36 27.68
N TYR B 17 1.13 16.03 27.87
CA TYR B 17 1.87 15.93 29.11
C TYR B 17 1.01 16.45 30.27
N PRO B 18 0.92 15.72 31.38
CA PRO B 18 0.17 16.24 32.53
C PRO B 18 0.77 17.54 33.05
N ASP B 19 -0.11 18.51 33.36
CA ASP B 19 0.30 19.85 33.79
C ASP B 19 1.18 20.52 32.74
N ALA B 20 0.89 20.28 31.45
CA ALA B 20 1.60 20.94 30.38
C ALA B 20 0.92 22.26 30.03
N PRO B 21 1.62 23.18 29.39
CA PRO B 21 0.98 24.41 28.93
C PRO B 21 0.13 24.13 27.72
N GLY B 22 -0.87 24.98 27.50
CA GLY B 22 -1.68 24.86 26.31
C GLY B 22 -1.00 25.54 25.13
N GLU B 23 -1.81 25.87 24.13
CA GLU B 23 -1.36 26.73 23.04
C GLU B 23 -2.15 28.04 23.13
N MET B 24 -1.44 29.16 23.09
CA MET B 24 -2.08 30.48 23.06
C MET B 24 -2.75 30.67 21.70
N VAL B 25 -4.08 30.69 21.69
CA VAL B 25 -4.86 30.81 20.46
C VAL B 25 -5.62 32.13 20.48
N VAL B 26 -5.59 32.84 19.36
CA VAL B 26 -6.30 34.10 19.20
C VAL B 26 -7.36 33.90 18.12
N LEU B 27 -8.61 33.69 18.53
CA LEU B 27 -9.71 33.65 17.56
C LEU B 27 -10.13 35.06 17.20
N THR B 28 -10.57 35.24 15.96
CA THR B 28 -11.02 36.54 15.47
C THR B 28 -12.44 36.40 14.92
N CYS B 29 -13.30 37.36 15.26
CA CYS B 29 -14.68 37.34 14.75
C CYS B 29 -14.69 37.83 13.31
N ASP B 30 -15.21 37.01 12.39
CA ASP B 30 -15.23 37.35 10.96
C ASP B 30 -16.52 38.09 10.64
N THR B 31 -16.46 39.42 10.70
CA THR B 31 -17.63 40.26 10.52
C THR B 31 -17.18 41.69 10.26
N PRO B 32 -17.95 42.49 9.51
CA PRO B 32 -17.64 43.92 9.40
C PRO B 32 -17.83 44.70 10.68
N GLU B 33 -18.44 44.10 11.71
CA GLU B 33 -18.68 44.83 12.95
C GLU B 33 -17.39 44.98 13.74
N GLU B 34 -17.38 45.97 14.64
CA GLU B 34 -16.24 46.19 15.53
C GLU B 34 -16.64 46.45 16.98
N ASP B 35 -17.92 46.72 17.29
CA ASP B 35 -18.32 47.13 18.62
C ASP B 35 -19.40 46.21 19.19
N GLY B 36 -19.40 46.07 20.51
CA GLY B 36 -20.38 45.24 21.18
C GLY B 36 -20.25 43.76 20.91
N ILE B 37 -19.03 43.27 20.65
CA ILE B 37 -18.80 41.87 20.33
C ILE B 37 -18.52 41.09 21.60
N THR B 38 -19.15 39.92 21.72
CA THR B 38 -18.96 39.03 22.86
C THR B 38 -18.76 37.60 22.35
N TRP B 39 -18.14 36.75 23.19
CA TRP B 39 -17.80 35.37 22.81
C TRP B 39 -18.45 34.36 23.75
N THR B 40 -18.96 33.26 23.19
CA THR B 40 -19.51 32.15 23.96
C THR B 40 -19.00 30.83 23.40
N LEU B 41 -19.23 29.77 24.16
CA LEU B 41 -18.73 28.45 23.79
C LEU B 41 -19.82 27.41 24.00
N ASP B 42 -20.10 26.64 22.95
CA ASP B 42 -21.07 25.54 22.99
C ASP B 42 -22.45 26.08 23.36
N GLN B 43 -23.25 25.27 24.06
CA GLN B 43 -24.60 25.64 24.43
C GLN B 43 -24.65 26.48 25.72
N SER B 44 -23.57 27.18 26.05
CA SER B 44 -23.49 28.01 27.24
C SER B 44 -23.77 29.47 26.91
N SER B 45 -24.28 30.20 27.91
CA SER B 45 -24.55 31.62 27.75
C SER B 45 -23.48 32.51 28.37
N GLU B 46 -22.51 31.94 29.07
CA GLU B 46 -21.45 32.73 29.69
C GLU B 46 -20.58 33.39 28.64
N VAL B 47 -20.44 34.70 28.74
CA VAL B 47 -19.52 35.46 27.90
C VAL B 47 -18.10 35.25 28.43
N LEU B 48 -17.18 34.86 27.55
CA LEU B 48 -15.80 34.59 27.92
C LEU B 48 -14.85 35.72 27.55
N GLY B 49 -15.36 36.79 26.95
CA GLY B 49 -14.52 37.90 26.54
C GLY B 49 -15.31 38.79 25.62
N SER B 50 -14.71 39.92 25.28
CA SER B 50 -15.31 40.90 24.39
C SER B 50 -14.29 41.30 23.32
N GLY B 51 -14.72 42.14 22.38
CA GLY B 51 -13.88 42.60 21.29
C GLY B 51 -13.94 41.69 20.05
N LYS B 52 -13.47 42.23 18.92
CA LYS B 52 -13.41 41.47 17.67
C LYS B 52 -12.50 40.25 17.74
N THR B 53 -11.66 40.13 18.78
CA THR B 53 -10.77 38.99 18.94
C THR B 53 -10.87 38.44 20.37
N LEU B 54 -10.60 37.15 20.49
CA LEU B 54 -10.59 36.45 21.77
C LEU B 54 -9.33 35.61 21.83
N THR B 55 -8.68 35.64 22.99
CA THR B 55 -7.47 34.89 23.27
C THR B 55 -7.76 33.83 24.32
N ILE B 56 -7.35 32.59 24.06
CA ILE B 56 -7.62 31.49 24.99
C ILE B 56 -6.38 30.63 25.13
N GLN B 57 -6.30 29.95 26.26
CA GLN B 57 -5.24 28.99 26.56
C GLN B 57 -5.85 27.60 26.44
N VAL B 58 -5.57 26.93 25.32
CA VAL B 58 -6.21 25.66 25.02
C VAL B 58 -5.33 24.58 25.64
N LYS B 59 -5.76 24.06 26.78
CA LYS B 59 -5.04 22.98 27.46
C LYS B 59 -5.78 21.66 27.45
N GLU B 60 -7.10 21.68 27.64
CA GLU B 60 -7.90 20.48 27.82
C GLU B 60 -9.02 20.47 26.78
N PHE B 61 -9.81 19.39 26.80
CA PHE B 61 -10.94 19.30 25.89
C PHE B 61 -12.08 20.23 26.27
N GLY B 62 -12.09 20.71 27.52
CA GLY B 62 -13.05 21.72 27.92
C GLY B 62 -12.79 23.08 27.31
N ASP B 63 -11.58 23.31 26.81
CA ASP B 63 -11.24 24.54 26.11
C ASP B 63 -11.54 24.46 24.62
N ALA B 64 -11.89 23.29 24.12
CA ALA B 64 -12.15 23.11 22.71
C ALA B 64 -13.66 23.25 22.45
N GLY B 65 -14.03 23.21 21.17
CA GLY B 65 -15.44 23.24 20.81
C GLY B 65 -15.77 24.44 19.96
N GLN B 66 -17.07 24.74 19.87
CA GLN B 66 -17.55 25.79 18.98
C GLN B 66 -17.58 27.12 19.72
N TYR B 67 -16.81 28.07 19.23
CA TYR B 67 -16.83 29.43 19.74
C TYR B 67 -17.73 30.27 18.83
N THR B 68 -18.67 31.00 19.42
CA THR B 68 -19.53 31.92 18.69
C THR B 68 -19.28 33.34 19.19
N CYS B 69 -19.23 34.29 18.27
CA CYS B 69 -19.14 35.70 18.63
C CYS B 69 -20.47 36.37 18.29
N HIS B 70 -20.90 37.28 19.16
CA HIS B 70 -22.21 37.90 19.06
C HIS B 70 -22.08 39.43 19.11
N LYS B 71 -23.12 40.09 18.63
CA LYS B 71 -23.40 41.50 18.87
C LYS B 71 -24.79 41.52 19.50
N GLY B 72 -24.84 41.45 20.83
CA GLY B 72 -26.12 41.27 21.49
C GLY B 72 -26.76 39.96 21.05
N GLY B 73 -27.94 40.06 20.47
CA GLY B 73 -28.68 38.91 19.98
C GLY B 73 -28.37 38.54 18.56
N GLU B 74 -27.49 39.31 17.92
CA GLU B 74 -27.07 39.01 16.57
C GLU B 74 -25.96 37.97 16.62
N VAL B 75 -26.17 36.82 15.98
CA VAL B 75 -25.12 35.81 15.83
C VAL B 75 -24.20 36.22 14.69
N LEU B 76 -22.89 36.18 14.92
CA LEU B 76 -21.98 36.70 13.90
C LEU B 76 -21.28 35.61 13.10
N SER B 77 -20.33 34.91 13.71
CA SER B 77 -19.55 33.88 13.03
C SER B 77 -19.31 32.74 14.01
N HIS B 78 -18.75 31.64 13.50
CA HIS B 78 -18.45 30.47 14.31
C HIS B 78 -17.01 30.02 14.05
N SER B 79 -16.44 29.37 15.07
CA SER B 79 -15.10 28.80 14.99
C SER B 79 -15.10 27.52 15.80
N LEU B 80 -14.81 26.41 15.12
CA LEU B 80 -14.73 25.11 15.77
C LEU B 80 -13.27 24.78 16.02
N LEU B 81 -12.97 24.33 17.24
CA LEU B 81 -11.63 23.97 17.65
C LEU B 81 -11.61 22.49 17.98
N LEU B 82 -10.64 21.76 17.44
CA LEU B 82 -10.41 20.37 17.78
C LEU B 82 -8.98 20.22 18.26
N LEU B 83 -8.74 19.18 19.04
CA LEU B 83 -7.42 18.89 19.59
C LEU B 83 -6.81 17.64 18.95
N HIS B 84 -5.53 17.72 18.61
CA HIS B 84 -4.75 16.56 18.20
C HIS B 84 -3.78 16.22 19.33
N LYS B 85 -4.02 15.09 20.00
CA LYS B 85 -3.22 14.71 21.16
C LYS B 85 -1.92 14.02 20.72
N LYS B 86 -0.82 14.43 21.34
CA LYS B 86 0.49 13.81 21.15
C LYS B 86 0.95 13.35 22.53
N GLU B 87 0.76 12.06 22.82
CA GLU B 87 1.23 11.43 24.05
C GLU B 87 2.48 10.60 23.76
N ASP B 88 3.44 10.61 24.69
CA ASP B 88 4.72 9.92 24.54
C ASP B 88 5.44 10.34 23.25
N GLY B 89 5.17 11.54 22.75
CA GLY B 89 5.68 11.94 21.45
C GLY B 89 4.99 11.32 20.25
N ILE B 90 3.95 10.51 20.46
CA ILE B 90 3.25 9.81 19.38
C ILE B 90 1.80 10.31 19.30
N TRP B 91 1.39 10.77 18.11
CA TRP B 91 0.02 11.21 17.94
C TRP B 91 -0.95 10.11 18.34
N SER B 92 -2.08 10.52 18.89
CA SER B 92 -3.02 9.55 19.45
C SER B 92 -3.66 8.72 18.33
N THR B 93 -3.93 7.46 18.63
CA THR B 93 -4.56 6.50 17.75
C THR B 93 -5.66 5.76 18.51
N ASP B 94 -6.58 6.54 19.11
CA ASP B 94 -7.66 5.98 19.93
C ASP B 94 -8.93 5.71 19.14
N ILE B 95 -9.15 6.44 18.04
CA ILE B 95 -10.38 6.23 17.27
C ILE B 95 -10.33 4.90 16.54
N LEU B 96 -9.20 4.57 15.90
CA LEU B 96 -9.09 3.32 15.15
C LEU B 96 -8.43 2.24 16.02
N LYS B 97 -8.82 0.99 15.77
CA LYS B 97 -8.31 -0.18 16.47
C LYS B 97 -7.16 -0.81 15.68
N ASP B 98 -6.26 -1.49 16.39
CA ASP B 98 -5.10 -2.12 15.75
C ASP B 98 -5.48 -3.51 15.23
N GLN B 99 -5.44 -3.69 13.91
CA GLN B 99 -5.83 -4.96 13.32
C GLN B 99 -4.77 -6.05 13.50
N LYS B 100 -3.55 -5.69 13.89
CA LYS B 100 -2.50 -6.62 14.33
C LYS B 100 -1.96 -7.51 13.20
N GLU B 101 -2.57 -7.46 12.01
CA GLU B 101 -2.12 -8.24 10.86
C GLU B 101 -2.15 -7.33 9.65
N PRO B 102 -1.04 -7.20 8.89
CA PRO B 102 0.22 -7.96 8.99
C PRO B 102 1.12 -7.55 10.15
N LYS B 103 1.74 -6.37 10.11
CA LYS B 103 2.56 -5.87 11.20
C LYS B 103 1.69 -5.56 12.43
N ASN B 104 2.34 -5.04 13.46
CA ASN B 104 1.63 -4.70 14.69
C ASN B 104 0.69 -3.52 14.48
N LYS B 105 1.24 -2.29 14.40
CA LYS B 105 0.41 -1.06 14.37
C LYS B 105 -0.12 -0.81 12.97
N THR B 106 -1.01 -1.71 12.53
CA THR B 106 -1.72 -1.56 11.27
C THR B 106 -3.15 -1.10 11.59
N PHE B 107 -3.43 0.16 11.28
CA PHE B 107 -4.77 0.70 11.42
C PHE B 107 -5.54 0.72 10.10
N LEU B 108 -4.84 0.95 8.99
CA LEU B 108 -5.42 0.91 7.66
C LEU B 108 -4.87 -0.30 6.91
N ARG B 109 -5.77 -1.10 6.34
CA ARG B 109 -5.40 -2.21 5.47
C ARG B 109 -5.99 -1.95 4.10
N CYS B 110 -5.16 -2.04 3.07
CA CYS B 110 -5.58 -1.80 1.71
C CYS B 110 -5.29 -3.04 0.88
N GLU B 111 -6.00 -3.15 -0.25
CA GLU B 111 -5.93 -4.38 -1.03
C GLU B 111 -6.49 -4.14 -2.42
N ALA B 112 -5.83 -4.73 -3.43
CA ALA B 112 -6.23 -4.67 -4.82
C ALA B 112 -6.42 -6.07 -5.40
N LYS B 113 -7.29 -6.20 -6.40
CA LYS B 113 -7.47 -7.46 -7.10
C LYS B 113 -6.77 -7.52 -8.45
N ASN B 114 -6.23 -6.40 -8.95
CA ASN B 114 -5.57 -6.37 -10.25
C ASN B 114 -4.69 -5.12 -10.29
N TYR B 115 -4.18 -4.81 -11.48
CA TYR B 115 -3.30 -3.66 -11.70
C TYR B 115 -4.02 -2.46 -12.30
N SER B 116 -5.35 -2.41 -12.23
CA SER B 116 -6.10 -1.35 -12.87
C SER B 116 -5.94 0.00 -12.20
N GLY B 117 -5.47 0.03 -10.96
CA GLY B 117 -5.39 1.27 -10.21
C GLY B 117 -6.50 1.46 -9.20
N ARG B 118 -7.47 0.55 -9.11
CA ARG B 118 -8.49 0.60 -8.08
C ARG B 118 -8.06 -0.25 -6.89
N PHE B 119 -8.51 0.13 -5.69
CA PHE B 119 -8.17 -0.62 -4.49
C PHE B 119 -9.14 -0.24 -3.39
N THR B 120 -9.21 -1.09 -2.36
CA THR B 120 -10.10 -0.90 -1.23
C THR B 120 -9.28 -0.86 0.06
N CYS B 121 -9.54 0.15 0.91
CA CYS B 121 -8.97 0.19 2.25
C CYS B 121 -10.07 0.05 3.30
N TRP B 122 -9.77 -0.63 4.40
CA TRP B 122 -10.73 -0.78 5.49
C TRP B 122 -10.03 -0.58 6.84
N TRP B 123 -10.85 -0.35 7.87
CA TRP B 123 -10.35 -0.11 9.22
C TRP B 123 -11.44 -0.44 10.22
N LEU B 124 -11.08 -0.41 11.50
CA LEU B 124 -11.94 -0.87 12.57
C LEU B 124 -12.01 0.16 13.69
N THR B 125 -13.18 0.21 14.33
CA THR B 125 -13.42 1.13 15.43
C THR B 125 -14.53 0.58 16.31
N THR B 126 -14.51 1.04 17.56
CA THR B 126 -15.52 0.68 18.55
C THR B 126 -16.37 1.90 18.96
N ILE B 127 -16.47 2.88 18.07
CA ILE B 127 -17.14 4.14 18.35
C ILE B 127 -18.36 4.24 17.45
N SER B 128 -19.52 4.56 18.03
CA SER B 128 -20.80 4.55 17.34
C SER B 128 -21.43 5.91 17.16
N THR B 129 -20.95 6.94 17.86
CA THR B 129 -21.58 8.25 17.84
C THR B 129 -20.55 9.32 17.53
N ASP B 130 -21.02 10.41 16.92
CA ASP B 130 -20.20 11.61 16.67
C ASP B 130 -18.90 11.27 15.97
N LEU B 131 -19.00 10.39 14.97
CA LEU B 131 -17.84 9.85 14.26
C LEU B 131 -17.89 10.29 12.80
N THR B 132 -16.83 10.95 12.36
CA THR B 132 -16.70 11.35 10.96
C THR B 132 -15.33 10.96 10.45
N PHE B 133 -15.32 10.39 9.24
CA PHE B 133 -14.13 10.01 8.51
C PHE B 133 -14.02 10.85 7.24
N SER B 134 -12.79 11.16 6.85
CA SER B 134 -12.53 11.85 5.59
C SER B 134 -11.33 11.17 4.94
N VAL B 135 -11.47 10.79 3.68
CA VAL B 135 -10.48 9.96 2.99
C VAL B 135 -9.96 10.70 1.78
N LYS B 136 -8.64 10.85 1.69
CA LYS B 136 -8.00 11.35 0.50
C LYS B 136 -6.82 10.45 0.15
N SER B 137 -6.35 10.59 -1.08
CA SER B 137 -5.30 9.72 -1.54
C SER B 137 -4.56 10.40 -2.67
N SER B 138 -3.31 9.97 -2.86
CA SER B 138 -2.50 10.51 -3.94
C SER B 138 -1.35 9.56 -4.17
N ARG B 139 -0.73 9.70 -5.35
CA ARG B 139 0.52 9.03 -5.68
C ARG B 139 1.64 10.06 -5.62
N GLY B 140 2.54 9.89 -4.65
CA GLY B 140 3.67 10.79 -4.48
C GLY B 140 3.34 12.04 -3.70
N SER B 141 4.26 12.48 -2.84
CA SER B 141 4.08 13.72 -2.08
C SER B 141 4.71 14.93 -2.76
N SER B 142 5.84 14.75 -3.44
CA SER B 142 6.49 15.85 -4.14
C SER B 142 5.53 16.54 -5.11
N ASP B 143 4.90 15.76 -5.99
CA ASP B 143 3.84 16.26 -6.87
C ASP B 143 2.67 15.30 -6.76
N PRO B 144 1.63 15.67 -6.02
CA PRO B 144 0.47 14.78 -5.88
C PRO B 144 -0.23 14.49 -7.21
N GLN B 145 -0.15 13.23 -7.65
CA GLN B 145 -0.90 12.78 -8.81
C GLN B 145 -2.26 12.24 -8.39
N GLY B 146 -3.26 12.49 -9.24
CA GLY B 146 -4.64 12.37 -8.81
C GLY B 146 -5.04 10.94 -8.47
N VAL B 147 -5.65 10.75 -7.30
CA VAL B 147 -6.37 9.54 -6.94
C VAL B 147 -7.73 9.94 -6.38
N THR B 148 -8.80 9.37 -6.94
CA THR B 148 -10.15 9.64 -6.50
C THR B 148 -10.59 8.59 -5.50
N CYS B 149 -11.17 9.02 -4.39
CA CYS B 149 -11.66 8.13 -3.36
C CYS B 149 -13.14 8.40 -3.09
N GLY B 150 -13.87 7.32 -2.85
CA GLY B 150 -15.24 7.42 -2.41
C GLY B 150 -15.28 7.75 -0.94
N ALA B 151 -16.46 7.55 -0.37
CA ALA B 151 -16.70 7.91 1.01
C ALA B 151 -16.60 6.65 1.85
N ALA B 152 -16.08 6.80 3.06
CA ALA B 152 -15.99 5.64 3.94
C ALA B 152 -17.39 5.20 4.33
N THR B 153 -17.67 3.91 4.20
CA THR B 153 -18.98 3.37 4.57
C THR B 153 -18.84 2.12 5.41
N LEU B 154 -19.82 1.89 6.27
CA LEU B 154 -19.79 0.76 7.18
C LEU B 154 -19.98 -0.55 6.41
N SER B 155 -19.10 -1.52 6.64
CA SER B 155 -19.20 -2.77 5.92
C SER B 155 -19.37 -4.00 6.81
N ALA B 156 -19.17 -3.87 8.12
CA ALA B 156 -19.36 -5.03 8.99
C ALA B 156 -19.49 -4.54 10.41
N GLU B 157 -20.17 -5.34 11.24
CA GLU B 157 -20.33 -5.02 12.65
C GLU B 157 -20.46 -6.33 13.42
N ARG B 158 -19.85 -6.39 14.60
CA ARG B 158 -19.94 -7.53 15.50
C ARG B 158 -20.39 -7.04 16.87
N VAL B 159 -21.51 -7.57 17.37
CA VAL B 159 -22.10 -7.14 18.64
C VAL B 159 -21.99 -8.27 19.65
N ARG B 160 -21.33 -8.00 20.77
CA ARG B 160 -21.17 -8.93 21.89
C ARG B 160 -21.76 -8.28 23.13
N GLY B 161 -23.10 -8.25 23.20
CA GLY B 161 -23.77 -7.57 24.27
C GLY B 161 -23.81 -6.07 24.06
N ASP B 162 -22.90 -5.34 24.70
CA ASP B 162 -22.76 -3.91 24.45
C ASP B 162 -21.50 -3.56 23.68
N ASN B 163 -20.46 -4.39 23.74
CA ASN B 163 -19.25 -4.15 22.95
C ASN B 163 -19.56 -4.39 21.48
N LYS B 164 -19.64 -3.32 20.70
CA LYS B 164 -19.90 -3.38 19.26
C LYS B 164 -18.69 -2.88 18.49
N GLU B 165 -18.23 -3.67 17.52
CA GLU B 165 -17.07 -3.34 16.71
C GLU B 165 -17.50 -3.08 15.27
N TYR B 166 -17.03 -1.98 14.69
CA TYR B 166 -17.47 -1.51 13.38
C TYR B 166 -16.31 -1.53 12.39
N GLU B 167 -16.58 -2.01 11.18
CA GLU B 167 -15.62 -2.01 10.08
C GLU B 167 -16.08 -1.04 9.00
N TYR B 168 -15.23 -0.09 8.63
CA TYR B 168 -15.48 0.84 7.55
C TYR B 168 -14.57 0.49 6.38
N SER B 169 -15.08 0.62 5.16
CA SER B 169 -14.25 0.45 3.98
C SER B 169 -14.46 1.64 3.06
N VAL B 170 -13.51 1.81 2.14
CA VAL B 170 -13.56 2.86 1.15
C VAL B 170 -12.93 2.30 -0.12
N GLU B 171 -13.33 2.85 -1.27
CA GLU B 171 -12.76 2.44 -2.55
C GLU B 171 -12.09 3.63 -3.19
N CYS B 172 -10.97 3.41 -3.87
CA CYS B 172 -10.25 4.48 -4.53
C CYS B 172 -9.83 4.00 -5.92
N GLN B 173 -9.54 4.96 -6.78
CA GLN B 173 -9.16 4.67 -8.16
C GLN B 173 -8.16 5.72 -8.60
N GLU B 174 -7.02 5.26 -9.14
CA GLU B 174 -6.03 6.17 -9.66
C GLU B 174 -6.47 6.75 -11.00
N ASP B 175 -6.39 8.08 -11.15
CA ASP B 175 -6.93 8.80 -12.30
C ASP B 175 -6.32 8.33 -13.63
N SER B 176 -5.02 8.53 -13.80
CA SER B 176 -4.32 8.09 -15.01
C SER B 176 -3.44 6.88 -14.66
N ALA B 177 -4.10 5.74 -14.45
CA ALA B 177 -3.38 4.55 -14.06
C ALA B 177 -2.64 3.95 -15.25
N CYS B 178 -1.58 3.19 -14.93
CA CYS B 178 -0.70 2.58 -15.93
C CYS B 178 -0.37 1.17 -15.47
N PRO B 179 -1.24 0.21 -15.78
CA PRO B 179 -1.13 -1.13 -15.16
C PRO B 179 0.19 -1.85 -15.38
N ALA B 180 0.82 -1.71 -16.53
CA ALA B 180 2.03 -2.46 -16.87
C ALA B 180 3.31 -1.80 -16.37
N ALA B 181 3.24 -0.57 -15.89
CA ALA B 181 4.43 0.18 -15.57
C ALA B 181 4.92 -0.17 -14.18
N GLU B 182 6.22 -0.08 -14.00
CA GLU B 182 6.79 -0.26 -12.67
C GLU B 182 6.59 1.04 -11.91
N GLU B 183 5.86 0.97 -10.79
CA GLU B 183 5.60 2.18 -10.01
C GLU B 183 6.88 2.67 -9.33
N SER B 184 7.19 3.96 -9.50
CA SER B 184 8.33 4.56 -8.83
C SER B 184 7.98 5.21 -7.49
N LEU B 185 6.77 5.76 -7.35
CA LEU B 185 6.33 6.40 -6.13
C LEU B 185 5.14 5.64 -5.50
N PRO B 186 5.02 5.66 -4.18
CA PRO B 186 3.94 4.93 -3.53
C PRO B 186 2.65 5.74 -3.48
N ILE B 187 1.54 5.02 -3.36
CA ILE B 187 0.25 5.64 -3.10
C ILE B 187 0.17 5.96 -1.61
N GLU B 188 -0.27 7.16 -1.29
CA GLU B 188 -0.55 7.51 0.09
C GLU B 188 -2.06 7.58 0.26
N VAL B 189 -2.57 6.96 1.32
CA VAL B 189 -3.96 7.04 1.69
C VAL B 189 -4.05 7.72 3.04
N MET B 190 -4.76 8.84 3.10
CA MET B 190 -4.88 9.63 4.32
C MET B 190 -6.33 9.61 4.80
N VAL B 191 -6.51 9.27 6.07
CA VAL B 191 -7.85 9.18 6.67
C VAL B 191 -7.90 10.10 7.89
N ASP B 192 -8.79 11.11 7.84
CA ASP B 192 -9.08 11.99 8.98
C ASP B 192 -10.21 11.38 9.79
N ALA B 193 -10.02 11.33 11.11
CA ALA B 193 -10.99 10.75 12.03
C ALA B 193 -11.28 11.78 13.10
N VAL B 194 -12.55 12.13 13.26
CA VAL B 194 -13.00 13.13 14.22
C VAL B 194 -14.06 12.49 15.11
N HIS B 195 -13.84 12.53 16.43
CA HIS B 195 -14.78 11.97 17.39
C HIS B 195 -15.08 13.05 18.42
N LYS B 196 -16.28 13.63 18.36
CA LYS B 196 -16.61 14.78 19.17
C LYS B 196 -15.61 15.88 18.87
N LEU B 197 -14.73 16.19 19.84
CA LEU B 197 -13.77 17.29 19.69
C LEU B 197 -12.35 16.80 19.48
N LYS B 198 -12.14 15.48 19.42
CA LYS B 198 -10.82 14.88 19.25
C LYS B 198 -10.58 14.60 17.76
N TYR B 199 -9.48 15.12 17.25
CA TYR B 199 -9.05 14.92 15.87
C TYR B 199 -7.85 13.97 15.82
N GLU B 200 -7.94 12.96 14.95
CA GLU B 200 -6.81 12.09 14.65
C GLU B 200 -6.67 11.97 13.15
N ASN B 201 -5.50 11.51 12.68
CA ASN B 201 -5.43 11.13 11.28
C ASN B 201 -4.45 9.96 11.14
N TYR B 202 -4.63 9.23 10.06
CA TYR B 202 -3.92 7.99 9.79
C TYR B 202 -3.47 8.02 8.35
N THR B 203 -2.34 7.40 8.09
CA THR B 203 -1.77 7.35 6.76
C THR B 203 -1.19 5.97 6.54
N SER B 204 -1.38 5.45 5.32
CA SER B 204 -0.81 4.19 4.89
C SER B 204 -0.24 4.41 3.50
N SER B 205 1.01 3.98 3.32
CA SER B 205 1.80 4.19 2.11
C SER B 205 2.15 2.83 1.49
N PHE B 206 1.95 2.68 0.19
CA PHE B 206 2.12 1.35 -0.42
C PHE B 206 2.22 1.44 -1.95
N PHE B 207 2.75 0.36 -2.54
CA PHE B 207 2.69 0.12 -3.98
C PHE B 207 1.54 -0.83 -4.26
N ILE B 208 0.84 -0.59 -5.37
CA ILE B 208 -0.24 -1.49 -5.74
C ILE B 208 0.26 -2.93 -5.83
N ARG B 209 1.41 -3.13 -6.48
CA ARG B 209 1.96 -4.49 -6.60
C ARG B 209 2.08 -5.19 -5.25
N ASP B 210 2.30 -4.46 -4.15
CA ASP B 210 2.48 -5.13 -2.87
C ASP B 210 1.18 -5.47 -2.17
N ILE B 211 0.04 -4.99 -2.67
CA ILE B 211 -1.24 -5.23 -2.04
C ILE B 211 -2.13 -6.07 -2.93
N ILE B 212 -1.56 -6.61 -4.01
CA ILE B 212 -2.29 -7.49 -4.92
C ILE B 212 -2.70 -8.75 -4.18
N LYS B 213 -3.96 -9.14 -4.37
CA LYS B 213 -4.49 -10.42 -3.90
C LYS B 213 -5.53 -10.80 -4.93
N PRO B 214 -5.21 -11.72 -5.84
CA PRO B 214 -6.15 -12.05 -6.93
C PRO B 214 -7.41 -12.70 -6.38
N ASP B 215 -8.47 -12.63 -7.18
CA ASP B 215 -9.67 -13.39 -6.88
C ASP B 215 -9.38 -14.88 -7.12
N PRO B 216 -10.15 -15.77 -6.52
CA PRO B 216 -9.89 -17.20 -6.66
C PRO B 216 -10.08 -17.64 -8.10
N PRO B 217 -9.48 -18.75 -8.49
CA PRO B 217 -9.70 -19.27 -9.86
C PRO B 217 -11.15 -19.66 -10.09
N LYS B 218 -11.67 -19.34 -11.28
CA LYS B 218 -13.05 -19.67 -11.62
C LYS B 218 -13.16 -20.98 -12.39
N ASN B 219 -14.35 -21.61 -12.26
CA ASN B 219 -14.74 -22.77 -13.07
C ASN B 219 -13.90 -24.00 -12.75
N LEU B 220 -13.63 -24.21 -11.47
CA LEU B 220 -12.88 -25.39 -11.05
C LEU B 220 -13.66 -26.64 -11.42
N GLN B 221 -13.08 -27.49 -12.26
CA GLN B 221 -13.79 -28.65 -12.79
C GLN B 221 -12.91 -29.90 -12.73
N LEU B 222 -13.58 -31.06 -12.70
CA LEU B 222 -12.94 -32.36 -12.62
C LEU B 222 -13.35 -33.21 -13.82
N LYS B 223 -12.40 -33.92 -14.40
CA LYS B 223 -12.66 -34.83 -15.51
C LYS B 223 -11.87 -36.12 -15.31
N PRO B 224 -12.54 -37.25 -15.07
CA PRO B 224 -11.81 -38.50 -14.85
C PRO B 224 -11.48 -39.23 -16.15
N LEU B 225 -10.32 -39.89 -16.16
CA LEU B 225 -9.87 -40.66 -17.33
C LEU B 225 -10.06 -42.17 -17.13
N VAL B 231 -7.71 -37.90 -12.74
CA VAL B 231 -8.61 -36.78 -13.06
C VAL B 231 -7.82 -35.54 -13.54
N GLU B 232 -8.35 -34.88 -14.58
CA GLU B 232 -7.79 -33.63 -15.09
C GLU B 232 -8.48 -32.44 -14.43
N VAL B 233 -7.74 -31.74 -13.57
CA VAL B 233 -8.25 -30.53 -12.93
C VAL B 233 -8.05 -29.36 -13.89
N SER B 234 -9.10 -28.58 -14.10
CA SER B 234 -9.03 -27.43 -15.00
C SER B 234 -9.74 -26.25 -14.36
N TRP B 235 -9.22 -25.05 -14.64
CA TRP B 235 -9.77 -23.83 -14.10
C TRP B 235 -9.48 -22.72 -15.10
N GLU B 236 -9.98 -21.52 -14.79
CA GLU B 236 -9.69 -20.34 -15.59
C GLU B 236 -9.24 -19.20 -14.68
N TYR B 237 -8.58 -18.23 -15.30
CA TYR B 237 -8.24 -16.99 -14.61
C TYR B 237 -9.50 -16.34 -14.04
N PRO B 238 -9.37 -15.67 -12.90
CA PRO B 238 -10.51 -14.88 -12.40
C PRO B 238 -10.85 -13.76 -13.36
N ASP B 239 -12.12 -13.38 -13.39
CA ASP B 239 -12.57 -12.33 -14.32
C ASP B 239 -12.01 -10.98 -13.96
N THR B 240 -11.63 -10.77 -12.70
CA THR B 240 -11.17 -9.46 -12.30
C THR B 240 -9.67 -9.29 -12.48
N TRP B 241 -8.94 -10.35 -12.83
CA TRP B 241 -7.50 -10.22 -13.04
C TRP B 241 -7.20 -9.41 -14.31
N SER B 242 -6.11 -8.65 -14.27
CA SER B 242 -5.68 -7.83 -15.40
C SER B 242 -5.49 -8.68 -16.66
N THR B 243 -5.61 -8.03 -17.81
CA THR B 243 -5.43 -8.64 -19.12
C THR B 243 -4.44 -7.85 -19.94
N PRO B 244 -3.82 -8.46 -20.97
CA PRO B 244 -3.87 -9.88 -21.38
C PRO B 244 -3.13 -10.80 -20.43
N HIS B 245 -3.62 -12.03 -20.31
CA HIS B 245 -2.99 -13.00 -19.40
C HIS B 245 -1.61 -13.41 -19.86
N SER B 246 -1.30 -13.34 -21.17
CA SER B 246 0.06 -13.65 -21.62
C SER B 246 1.07 -12.64 -21.08
N TYR B 247 0.58 -11.48 -20.63
CA TYR B 247 1.39 -10.48 -19.95
C TYR B 247 1.28 -10.61 -18.43
N PHE B 248 0.10 -10.39 -17.87
CA PHE B 248 -0.11 -10.49 -16.42
C PHE B 248 -0.38 -11.94 -16.04
N SER B 249 0.69 -12.73 -15.98
CA SER B 249 0.58 -14.16 -15.79
C SER B 249 0.32 -14.52 -14.33
N LEU B 250 -0.45 -15.59 -14.12
CA LEU B 250 -0.69 -16.15 -12.80
C LEU B 250 -0.04 -17.52 -12.69
N THR B 251 0.43 -17.84 -11.49
CA THR B 251 0.81 -19.21 -11.18
C THR B 251 -0.19 -19.77 -10.18
N PHE B 252 -0.28 -21.10 -10.12
CA PHE B 252 -1.32 -21.75 -9.31
C PHE B 252 -0.71 -22.81 -8.39
N CYS B 253 -1.42 -23.06 -7.28
CA CYS B 253 -1.15 -24.15 -6.36
C CYS B 253 -2.41 -25.01 -6.28
N VAL B 254 -2.29 -26.28 -6.64
CA VAL B 254 -3.38 -27.26 -6.55
C VAL B 254 -3.14 -28.17 -5.35
N GLN B 255 -4.13 -28.28 -4.47
CA GLN B 255 -3.99 -29.05 -3.24
C GLN B 255 -5.03 -30.16 -3.19
N VAL B 256 -4.59 -31.36 -2.81
CA VAL B 256 -5.49 -32.49 -2.52
C VAL B 256 -5.42 -32.75 -1.02
N GLN B 257 -6.58 -32.85 -0.39
CA GLN B 257 -6.63 -33.01 1.05
C GLN B 257 -7.95 -33.66 1.42
N GLY B 258 -7.88 -34.61 2.34
CA GLY B 258 -9.05 -35.34 2.79
C GLY B 258 -10.12 -34.44 3.39
N LYS B 265 -1.45 -34.29 2.66
CA LYS B 265 -1.88 -33.50 1.52
C LYS B 265 -0.93 -33.64 0.33
N ASP B 266 -1.42 -33.34 -0.87
CA ASP B 266 -0.62 -33.33 -2.09
C ASP B 266 -0.76 -31.96 -2.74
N ARG B 267 0.36 -31.30 -3.01
CA ARG B 267 0.36 -29.99 -3.65
C ARG B 267 1.14 -30.05 -4.96
N VAL B 268 0.58 -29.39 -5.99
CA VAL B 268 1.22 -29.26 -7.29
C VAL B 268 1.28 -27.77 -7.64
N PHE B 269 2.45 -27.33 -8.11
CA PHE B 269 2.68 -25.94 -8.52
C PHE B 269 2.84 -25.88 -10.03
N THR B 270 1.90 -25.20 -10.70
CA THR B 270 1.92 -25.13 -12.15
C THR B 270 1.61 -23.71 -12.61
N ASP B 271 2.27 -23.31 -13.70
CA ASP B 271 1.89 -22.10 -14.42
C ASP B 271 0.75 -22.36 -15.39
N LYS B 272 0.48 -23.62 -15.71
CA LYS B 272 -0.57 -23.98 -16.65
C LYS B 272 -1.94 -23.84 -15.99
N THR B 273 -2.97 -23.77 -16.83
CA THR B 273 -4.34 -23.66 -16.36
C THR B 273 -4.98 -25.02 -16.10
N SER B 274 -4.21 -26.10 -16.21
CA SER B 274 -4.73 -27.44 -15.99
C SER B 274 -3.65 -28.26 -15.30
N ALA B 275 -4.07 -29.35 -14.68
CA ALA B 275 -3.13 -30.24 -14.02
C ALA B 275 -3.84 -31.56 -13.74
N THR B 276 -3.05 -32.60 -13.47
CA THR B 276 -3.57 -33.94 -13.27
C THR B 276 -3.08 -34.48 -11.94
N VAL B 277 -4.01 -34.91 -11.09
CA VAL B 277 -3.69 -35.45 -9.78
C VAL B 277 -4.66 -36.61 -9.50
N ILE B 278 -4.36 -37.39 -8.47
CA ILE B 278 -5.20 -38.53 -8.10
C ILE B 278 -6.31 -38.07 -7.16
N CYS B 279 -7.42 -38.82 -7.16
CA CYS B 279 -8.59 -38.46 -6.36
C CYS B 279 -8.85 -39.57 -5.35
N ARG B 280 -8.87 -39.21 -4.07
CA ARG B 280 -9.26 -40.13 -3.01
C ARG B 280 -10.68 -39.85 -2.57
N LYS B 281 -11.27 -40.82 -1.88
CA LYS B 281 -12.65 -40.69 -1.44
C LYS B 281 -12.78 -39.62 -0.37
N ASN B 282 -13.85 -38.83 -0.47
CA ASN B 282 -14.17 -37.79 0.51
C ASN B 282 -13.03 -36.78 0.68
N ALA B 283 -12.23 -36.61 -0.39
CA ALA B 283 -11.21 -35.59 -0.44
C ALA B 283 -11.75 -34.37 -1.18
N SER B 284 -10.88 -33.39 -1.46
CA SER B 284 -11.29 -32.18 -2.16
C SER B 284 -10.09 -31.61 -2.90
N ILE B 285 -10.33 -31.10 -4.10
CA ILE B 285 -9.32 -30.45 -4.93
C ILE B 285 -9.48 -28.95 -4.80
N SER B 286 -8.41 -28.28 -4.39
CA SER B 286 -8.44 -26.84 -4.15
C SER B 286 -7.33 -26.17 -4.93
N VAL B 287 -7.63 -25.03 -5.54
CA VAL B 287 -6.67 -24.26 -6.31
C VAL B 287 -6.66 -22.83 -5.81
N ARG B 288 -5.48 -22.23 -5.74
CA ARG B 288 -5.29 -20.82 -5.42
C ARG B 288 -4.33 -20.23 -6.44
N ALA B 289 -4.29 -18.89 -6.48
CA ALA B 289 -3.59 -18.15 -7.53
C ALA B 289 -2.67 -17.10 -6.94
N GLN B 290 -1.62 -16.77 -7.67
CA GLN B 290 -0.68 -15.73 -7.26
C GLN B 290 -0.03 -15.15 -8.51
N ASP B 291 0.31 -13.86 -8.43
CA ASP B 291 1.08 -13.21 -9.49
C ASP B 291 2.33 -14.02 -9.76
N ARG B 292 2.60 -14.30 -11.04
CA ARG B 292 3.67 -15.24 -11.32
C ARG B 292 5.05 -14.61 -11.11
N TYR B 293 5.18 -13.31 -11.30
CA TYR B 293 6.50 -12.71 -11.32
C TYR B 293 6.80 -11.81 -10.13
N TYR B 294 5.88 -11.72 -9.16
CA TYR B 294 6.05 -10.88 -7.99
C TYR B 294 5.30 -11.56 -6.86
N SER B 295 5.97 -11.89 -5.77
CA SER B 295 5.32 -12.64 -4.70
C SER B 295 4.29 -11.75 -4.00
N SER B 296 3.09 -11.73 -4.54
CA SER B 296 1.98 -10.97 -3.97
C SER B 296 1.27 -11.87 -2.95
N SER B 297 0.07 -11.51 -2.55
CA SER B 297 -0.73 -12.43 -1.74
C SER B 297 -1.32 -13.53 -2.59
N TRP B 298 -1.46 -14.71 -1.98
CA TRP B 298 -2.17 -15.80 -2.62
C TRP B 298 -3.66 -15.51 -2.63
N SER B 299 -4.33 -15.91 -3.70
CA SER B 299 -5.77 -15.84 -3.72
C SER B 299 -6.38 -16.74 -2.65
N GLU B 300 -7.68 -16.58 -2.45
CA GLU B 300 -8.43 -17.52 -1.66
C GLU B 300 -8.61 -18.84 -2.42
N TRP B 301 -8.78 -19.93 -1.68
CA TRP B 301 -8.95 -21.25 -2.30
C TRP B 301 -10.29 -21.35 -3.02
N ALA B 302 -10.28 -22.02 -4.16
CA ALA B 302 -11.50 -22.52 -4.78
C ALA B 302 -11.47 -24.02 -4.65
N SER B 303 -12.58 -24.62 -4.17
CA SER B 303 -12.57 -26.05 -3.86
C SER B 303 -13.73 -26.77 -4.53
N VAL B 304 -13.57 -28.08 -4.65
CA VAL B 304 -14.53 -28.96 -5.31
C VAL B 304 -14.35 -30.34 -4.70
N PRO B 305 -15.44 -31.09 -4.44
CA PRO B 305 -15.28 -32.41 -3.84
C PRO B 305 -14.55 -33.36 -4.79
N CYS B 306 -13.58 -34.09 -4.24
CA CYS B 306 -12.89 -35.14 -4.99
C CYS B 306 -13.90 -36.21 -5.38
N SER B 307 -14.67 -35.97 -6.43
CA SER B 307 -15.72 -36.89 -6.86
C SER B 307 -16.27 -36.47 -8.22
N ARG C 3 23.82 -3.72 14.87
CA ARG C 3 22.59 -3.33 14.20
C ARG C 3 21.79 -4.54 13.72
N GLU C 4 21.99 -5.70 14.39
CA GLU C 4 21.26 -6.92 14.04
C GLU C 4 19.77 -6.85 14.32
N ARG C 5 19.31 -5.82 15.03
CA ARG C 5 17.88 -5.57 15.21
C ARG C 5 17.18 -5.21 13.91
N CYS C 6 17.88 -5.25 12.77
CA CYS C 6 17.25 -5.04 11.48
C CYS C 6 16.22 -6.12 11.17
N VAL C 7 16.31 -7.28 11.83
CA VAL C 7 15.31 -8.33 11.65
C VAL C 7 13.92 -7.80 11.95
N ARG C 8 13.80 -6.84 12.86
CA ARG C 8 12.55 -6.16 13.18
C ARG C 8 12.21 -5.02 12.21
N ASN C 9 12.98 -4.86 11.14
CA ASN C 9 12.70 -3.85 10.12
C ASN C 9 12.64 -4.43 8.71
N TYR C 10 13.40 -5.50 8.43
CA TYR C 10 13.40 -6.11 7.11
C TYR C 10 13.18 -7.62 7.13
N GLY C 11 13.11 -8.23 8.32
CA GLY C 11 12.84 -9.65 8.42
C GLY C 11 14.10 -10.46 8.66
N HIS C 12 13.90 -11.71 9.10
CA HIS C 12 15.01 -12.59 9.41
C HIS C 12 15.66 -13.17 8.16
N GLU C 13 14.94 -13.18 7.03
CA GLU C 13 15.50 -13.73 5.80
C GLU C 13 16.48 -12.74 5.16
N PHE C 14 16.08 -11.47 5.05
CA PHE C 14 16.95 -10.45 4.47
C PHE C 14 18.20 -10.26 5.31
N CYS C 15 18.04 -10.12 6.64
CA CYS C 15 19.20 -9.88 7.51
C CYS C 15 20.12 -11.10 7.60
N GLN C 16 19.63 -12.30 7.25
CA GLN C 16 20.50 -13.47 7.23
C GLN C 16 21.51 -13.42 6.09
N ASN C 17 21.42 -12.43 5.19
CA ASN C 17 22.38 -12.23 4.10
C ASN C 17 23.69 -11.59 4.57
N TRP C 18 23.76 -11.09 5.79
CA TRP C 18 24.89 -10.29 6.23
C TRP C 18 25.53 -10.87 7.49
N TYR C 19 26.75 -10.40 7.76
CA TYR C 19 27.57 -10.88 8.88
C TYR C 19 27.33 -10.04 10.13
N TRP C 20 26.98 -10.71 11.21
CA TRP C 20 26.70 -10.02 12.47
C TRP C 20 27.65 -10.45 13.58
C1 NAG D . -2.30 14.90 10.13
C2 NAG D . -2.42 15.98 9.07
C3 NAG D . -1.18 16.87 9.07
C4 NAG D . -0.95 17.45 10.46
C5 NAG D . -0.86 16.32 11.49
C6 NAG D . -0.71 16.79 12.92
C7 NAG D . -3.53 15.83 6.88
C8 NAG D . -3.60 15.06 5.57
N2 NAG D . -2.63 15.38 7.76
O3 NAG D . -1.36 17.90 8.11
O4 NAG D . 0.26 18.20 10.52
O5 NAG D . -2.05 15.51 11.42
O6 NAG D . -1.27 18.07 13.17
O7 NAG D . -4.26 16.80 7.10
C1 NAG D . 0.02 19.62 10.51
C2 NAG D . 1.31 20.35 10.87
C3 NAG D . 1.09 21.86 10.82
C4 NAG D . 0.49 22.27 9.47
C5 NAG D . -0.74 21.40 9.16
C6 NAG D . -1.34 21.63 7.78
C7 NAG D . 3.01 19.36 12.32
C8 NAG D . 3.38 18.97 13.72
N2 NAG D . 1.81 19.94 12.16
O3 NAG D . 2.33 22.52 11.05
O4 NAG D . 0.09 23.62 9.54
O5 NAG D . -0.40 20.01 9.24
O6 NAG D . -0.46 22.24 6.86
O7 NAG D . 3.76 19.15 11.38
C1 BMA D . 1.06 24.45 8.87
C2 BMA D . 0.29 25.50 8.08
C3 BMA D . 1.27 26.44 7.39
C4 BMA D . 2.24 27.04 8.43
C5 BMA D . 2.94 25.90 9.22
C6 BMA D . 3.86 26.43 10.33
O2 BMA D . -0.47 26.29 8.99
O3 BMA D . 0.63 27.54 6.66
O4 BMA D . 3.20 27.85 7.78
O5 BMA D . 1.93 25.06 9.81
O6 BMA D . 5.06 25.65 10.32
C1 MAN D . -0.60 27.19 5.99
C2 MAN D . -0.64 27.93 4.63
C3 MAN D . -0.62 29.45 4.89
C4 MAN D . -1.70 29.88 5.93
C5 MAN D . -1.67 28.96 7.20
C6 MAN D . -2.83 29.18 8.18
O2 MAN D . -1.86 27.67 3.90
O3 MAN D . -0.75 30.19 3.68
O4 MAN D . -1.48 31.22 6.33
O5 MAN D . -1.69 27.57 6.78
O6 MAN D . -3.21 27.90 8.73
#